data_3LFK
#
_entry.id   3LFK
#
_cell.length_a   65.130
_cell.length_b   88.335
_cell.length_c   115.212
_cell.angle_alpha   90.00
_cell.angle_beta   90.00
_cell.angle_gamma   90.00
#
_symmetry.space_group_name_H-M   'P 21 21 21'
#
loop_
_entity.id
_entity.type
_entity.pdbx_description
1 polymer 'MarR Like Protein, TVG0766549'
2 non-polymer 'SULFATE ION'
3 non-polymer 'CITRIC ACID'
4 water water
#
_entity_poly.entity_id   1
_entity_poly.type   'polypeptide(L)'
_entity_poly.pdbx_seq_one_letter_code
;GSHMSAMAESKVLVKGTPFNKPVIKGKLENNYDMSQDEVSLLLFLKTHGGKIPLYRIKNETGLKDPESVLKNLMDYGFAL
EDKERLGEKIVLTSEGEFVAQAIRVRDEELRLKEMKQKKNVNRSSAPPQ
;
_entity_poly.pdbx_strand_id   A,B,C,D
#
# COMPACT_ATOMS: atom_id res chain seq x y z
N SER A 2 -3.10 16.01 8.93
CA SER A 2 -2.62 14.91 9.82
C SER A 2 -3.60 13.74 9.78
N HIS A 3 -4.62 13.85 8.94
CA HIS A 3 -5.61 12.81 8.81
C HIS A 3 -5.05 11.66 7.98
N MET A 4 -4.44 12.00 6.86
CA MET A 4 -3.86 10.99 5.98
C MET A 4 -2.60 10.36 6.55
N SER A 5 -1.91 11.07 7.44
CA SER A 5 -0.68 10.54 8.03
C SER A 5 -0.95 9.63 9.21
N ALA A 6 -2.16 9.71 9.76
CA ALA A 6 -2.53 8.87 10.89
C ALA A 6 -2.95 7.49 10.41
N MET A 7 -3.15 7.37 9.10
CA MET A 7 -3.58 6.11 8.51
C MET A 7 -2.48 5.09 8.47
N ALA A 8 -2.87 3.82 8.48
CA ALA A 8 -1.88 2.75 8.40
C ALA A 8 -1.43 2.71 6.95
N GLU A 9 -0.28 2.12 6.70
CA GLU A 9 0.25 2.04 5.35
C GLU A 9 -0.50 1.05 4.46
N SER A 10 -0.64 1.37 3.19
CA SER A 10 -1.29 0.46 2.24
C SER A 10 -0.50 -0.83 2.12
N LYS A 11 -1.20 -1.95 1.98
CA LYS A 11 -0.51 -3.22 1.76
C LYS A 11 -0.65 -3.62 0.30
N VAL A 12 -1.29 -2.75 -0.50
CA VAL A 12 -1.47 -3.08 -1.89
C VAL A 12 -0.37 -2.39 -2.72
N LEU A 13 0.59 -3.19 -3.20
CA LEU A 13 1.71 -2.68 -3.99
C LEU A 13 1.31 -2.53 -5.43
N VAL A 14 0.65 -3.56 -5.94
CA VAL A 14 0.15 -3.56 -7.31
C VAL A 14 -1.23 -4.22 -7.29
N LYS A 15 -2.24 -3.49 -7.76
CA LYS A 15 -3.58 -4.06 -7.81
C LYS A 15 -3.59 -5.11 -8.91
N GLY A 16 -4.46 -6.12 -8.76
CA GLY A 16 -4.55 -7.15 -9.77
C GLY A 16 -5.23 -6.63 -11.04
N THR A 17 -4.83 -7.19 -12.19
CA THR A 17 -5.41 -6.83 -13.48
C THR A 17 -5.31 -8.12 -14.30
N PRO A 18 -5.89 -8.13 -15.51
CA PRO A 18 -5.84 -9.32 -16.37
C PRO A 18 -4.46 -9.91 -16.65
N PHE A 19 -3.42 -9.10 -16.62
CA PHE A 19 -2.08 -9.59 -16.90
C PHE A 19 -1.15 -9.70 -15.68
N ASN A 20 -1.72 -9.60 -14.48
CA ASN A 20 -0.91 -9.73 -13.26
C ASN A 20 -1.75 -9.96 -12.02
N LYS A 21 -1.24 -10.83 -11.16
CA LYS A 21 -1.85 -11.15 -9.88
C LYS A 21 -1.52 -9.96 -8.97
N PRO A 22 -2.30 -9.71 -7.91
CA PRO A 22 -1.93 -8.56 -7.07
C PRO A 22 -0.65 -8.83 -6.30
N VAL A 23 0.09 -7.78 -5.97
CA VAL A 23 1.29 -7.95 -5.18
C VAL A 23 0.93 -7.24 -3.88
N ILE A 24 1.04 -8.00 -2.79
CA ILE A 24 0.69 -7.55 -1.44
C ILE A 24 1.96 -7.46 -0.59
N LYS A 25 2.07 -6.40 0.21
CA LYS A 25 3.21 -6.23 1.10
C LYS A 25 3.08 -7.26 2.21
N GLY A 26 4.21 -7.84 2.60
CA GLY A 26 4.14 -8.88 3.62
C GLY A 26 3.97 -10.24 2.94
N LYS A 27 3.87 -11.28 3.78
CA LYS A 27 3.77 -12.66 3.31
C LYS A 27 2.60 -13.39 3.92
N LEU A 28 1.99 -14.27 3.14
CA LEU A 28 0.87 -15.08 3.60
C LEU A 28 1.20 -15.84 4.90
N GLU A 29 2.43 -16.32 5.03
CA GLU A 29 2.81 -17.05 6.23
C GLU A 29 2.61 -16.24 7.51
N ASN A 30 2.67 -14.91 7.42
CA ASN A 30 2.47 -14.10 8.64
C ASN A 30 1.23 -13.22 8.45
N ASN A 31 0.27 -13.73 7.68
CA ASN A 31 -0.99 -13.04 7.43
C ASN A 31 -0.78 -11.61 6.93
N TYR A 32 0.26 -11.41 6.13
CA TYR A 32 0.58 -10.10 5.55
C TYR A 32 0.70 -9.04 6.62
N ASP A 33 1.24 -9.44 7.77
CA ASP A 33 1.44 -8.55 8.91
C ASP A 33 0.20 -8.02 9.60
N MET A 34 -0.95 -8.59 9.28
CA MET A 34 -2.17 -8.18 9.97
C MET A 34 -2.21 -8.84 11.33
N SER A 35 -2.87 -8.19 12.28
CA SER A 35 -3.02 -8.78 13.59
C SER A 35 -4.21 -9.74 13.48
N GLN A 36 -4.40 -10.61 14.48
CA GLN A 36 -5.50 -11.60 14.38
C GLN A 36 -6.91 -11.01 14.30
N ASP A 37 -7.13 -9.89 15.00
CA ASP A 37 -8.43 -9.24 14.94
C ASP A 37 -8.75 -8.82 13.50
N GLU A 38 -7.72 -8.32 12.79
CA GLU A 38 -7.91 -7.89 11.42
C GLU A 38 -8.20 -9.07 10.49
N VAL A 39 -7.50 -10.19 10.72
CA VAL A 39 -7.71 -11.37 9.91
C VAL A 39 -9.12 -11.87 10.17
N SER A 40 -9.52 -11.94 11.44
CA SER A 40 -10.89 -12.38 11.76
C SER A 40 -11.94 -11.52 11.04
N LEU A 41 -11.78 -10.20 11.06
CA LEU A 41 -12.74 -9.35 10.39
C LEU A 41 -12.73 -9.54 8.87
N LEU A 42 -11.54 -9.64 8.28
CA LEU A 42 -11.44 -9.84 6.84
C LEU A 42 -12.18 -11.12 6.41
N LEU A 43 -11.98 -12.20 7.17
CA LEU A 43 -12.63 -13.46 6.85
C LEU A 43 -14.13 -13.37 7.10
N PHE A 44 -14.53 -12.59 8.09
CA PHE A 44 -15.96 -12.41 8.35
C PHE A 44 -16.57 -11.75 7.11
N LEU A 45 -15.93 -10.72 6.58
CA LEU A 45 -16.44 -10.04 5.42
C LEU A 45 -16.49 -10.99 4.21
N LYS A 46 -15.46 -11.81 4.05
CA LYS A 46 -15.39 -12.75 2.93
C LYS A 46 -16.51 -13.78 3.06
N THR A 47 -16.74 -14.25 4.28
CA THR A 47 -17.77 -15.26 4.56
C THR A 47 -19.18 -14.75 4.25
N HIS A 48 -19.39 -13.45 4.39
CA HIS A 48 -20.68 -12.85 4.11
C HIS A 48 -20.71 -12.15 2.74
N GLY A 49 -20.18 -12.85 1.74
CA GLY A 49 -20.20 -12.35 0.37
C GLY A 49 -19.32 -11.18 -0.01
N GLY A 50 -18.42 -10.76 0.87
CA GLY A 50 -17.56 -9.64 0.56
C GLY A 50 -18.30 -8.31 0.51
N LYS A 51 -19.52 -8.27 1.04
CA LYS A 51 -20.35 -7.05 1.05
C LYS A 51 -21.40 -7.16 2.16
N ILE A 52 -21.44 -6.19 3.08
CA ILE A 52 -22.37 -6.25 4.23
C ILE A 52 -22.63 -4.89 4.92
N PRO A 53 -23.82 -4.69 5.54
CA PRO A 53 -24.11 -3.42 6.22
C PRO A 53 -23.19 -3.21 7.43
N LEU A 54 -22.81 -1.96 7.70
CA LEU A 54 -21.93 -1.70 8.84
C LEU A 54 -22.55 -2.17 10.16
N TYR A 55 -23.86 -2.03 10.34
CA TYR A 55 -24.43 -2.45 11.60
C TYR A 55 -24.24 -3.96 11.88
N ARG A 56 -24.13 -4.78 10.83
CA ARG A 56 -23.91 -6.20 11.10
C ARG A 56 -22.50 -6.42 11.64
N ILE A 57 -21.54 -5.63 11.16
CA ILE A 57 -20.17 -5.75 11.64
C ILE A 57 -20.12 -5.41 13.13
N LYS A 58 -20.87 -4.41 13.54
CA LYS A 58 -20.88 -4.01 14.95
C LYS A 58 -21.52 -5.06 15.83
N ASN A 59 -22.59 -5.66 15.33
CA ASN A 59 -23.33 -6.64 16.10
C ASN A 59 -22.78 -8.05 16.14
N GLU A 60 -22.22 -8.49 15.00
CA GLU A 60 -21.83 -9.88 14.86
C GLU A 60 -20.41 -10.40 14.93
N THR A 61 -19.41 -9.52 14.99
CA THR A 61 -18.03 -10.01 14.97
C THR A 61 -17.37 -10.37 16.28
N GLY A 62 -17.90 -9.86 17.39
CA GLY A 62 -17.30 -10.14 18.67
C GLY A 62 -16.12 -9.25 19.00
N LEU A 63 -15.96 -8.18 18.22
CA LEU A 63 -14.87 -7.23 18.42
C LEU A 63 -15.27 -6.07 19.31
N LYS A 64 -14.36 -5.64 20.17
CA LYS A 64 -14.63 -4.51 21.05
C LYS A 64 -14.71 -3.19 20.30
N ASP A 65 -13.89 -3.03 19.27
CA ASP A 65 -13.89 -1.81 18.50
C ASP A 65 -13.81 -2.20 17.02
N PRO A 66 -14.92 -2.73 16.47
CA PRO A 66 -15.00 -3.16 15.07
C PRO A 66 -14.61 -2.06 14.09
N GLU A 67 -15.04 -0.85 14.37
CA GLU A 67 -14.73 0.26 13.48
C GLU A 67 -13.24 0.52 13.36
N SER A 68 -12.50 0.38 14.46
CA SER A 68 -11.07 0.60 14.40
C SER A 68 -10.42 -0.50 13.56
N VAL A 69 -10.85 -1.73 13.76
CA VAL A 69 -10.29 -2.85 12.99
C VAL A 69 -10.60 -2.64 11.50
N LEU A 70 -11.83 -2.26 11.20
CA LEU A 70 -12.25 -2.02 9.81
C LEU A 70 -11.42 -0.90 9.18
N LYS A 71 -11.20 0.20 9.92
CA LYS A 71 -10.42 1.30 9.37
C LYS A 71 -9.03 0.84 8.99
N ASN A 72 -8.45 -0.08 9.75
CA ASN A 72 -7.14 -0.60 9.34
C ASN A 72 -7.26 -1.37 8.02
N LEU A 73 -8.30 -2.21 7.86
CA LEU A 73 -8.46 -2.94 6.62
C LEU A 73 -8.66 -1.99 5.46
N MET A 74 -9.33 -0.86 5.71
CA MET A 74 -9.51 0.14 4.65
C MET A 74 -8.18 0.81 4.30
N ASP A 75 -7.42 1.18 5.32
CA ASP A 75 -6.12 1.81 5.11
C ASP A 75 -5.19 0.84 4.35
N TYR A 76 -5.30 -0.47 4.61
CA TYR A 76 -4.44 -1.44 3.92
C TYR A 76 -4.80 -1.60 2.45
N GLY A 77 -6.02 -1.20 2.08
CA GLY A 77 -6.50 -1.33 0.73
C GLY A 77 -7.32 -2.59 0.50
N PHE A 78 -7.80 -3.18 1.59
CA PHE A 78 -8.57 -4.43 1.51
C PHE A 78 -10.08 -4.30 1.56
N ALA A 79 -10.56 -3.13 1.97
CA ALA A 79 -11.99 -2.93 2.07
C ALA A 79 -12.31 -1.46 1.86
N LEU A 80 -13.57 -1.20 1.57
CA LEU A 80 -13.97 0.19 1.42
C LEU A 80 -15.43 0.37 1.77
N GLU A 81 -15.83 1.63 1.91
CA GLU A 81 -17.21 1.98 2.23
C GLU A 81 -17.98 2.36 0.98
N ASP A 82 -19.16 1.78 0.84
CA ASP A 82 -20.05 2.06 -0.28
C ASP A 82 -21.28 2.67 0.39
N LYS A 83 -21.15 3.90 0.92
CA LYS A 83 -22.27 4.55 1.57
C LYS A 83 -23.39 4.84 0.59
N GLU A 84 -24.61 4.45 0.98
CA GLU A 84 -25.76 4.63 0.12
C GLU A 84 -27.04 4.87 0.91
N ARG A 85 -28.03 5.44 0.25
CA ARG A 85 -29.32 5.76 0.85
C ARG A 85 -29.76 4.75 1.90
N LEU A 86 -29.89 5.24 3.14
CA LEU A 86 -30.34 4.45 4.28
C LEU A 86 -29.29 3.53 4.93
N GLY A 87 -28.03 3.99 4.99
CA GLY A 87 -26.99 3.19 5.61
C GLY A 87 -25.75 2.91 4.77
N GLU A 88 -24.63 2.67 5.45
CA GLU A 88 -23.39 2.38 4.74
C GLU A 88 -23.15 0.89 4.60
N LYS A 89 -22.59 0.51 3.46
CA LYS A 89 -22.29 -0.88 3.12
C LYS A 89 -20.76 -1.04 3.05
N ILE A 90 -20.24 -2.10 3.64
CA ILE A 90 -18.79 -2.35 3.63
C ILE A 90 -18.52 -3.45 2.61
N VAL A 91 -17.55 -3.23 1.71
CA VAL A 91 -17.24 -4.22 0.68
C VAL A 91 -15.76 -4.48 0.58
N LEU A 92 -15.39 -5.73 0.28
CA LEU A 92 -13.97 -6.04 0.11
C LEU A 92 -13.56 -5.55 -1.27
N THR A 93 -12.33 -5.08 -1.38
CA THR A 93 -11.80 -4.70 -2.69
C THR A 93 -11.33 -6.01 -3.33
N SER A 94 -10.96 -5.97 -4.61
CA SER A 94 -10.47 -7.18 -5.25
C SER A 94 -9.23 -7.69 -4.52
N GLU A 95 -8.41 -6.78 -3.99
CA GLU A 95 -7.20 -7.17 -3.27
C GLU A 95 -7.57 -7.80 -1.91
N GLY A 96 -8.61 -7.28 -1.27
CA GLY A 96 -9.04 -7.85 -0.01
C GLY A 96 -9.61 -9.25 -0.23
N GLU A 97 -10.33 -9.45 -1.33
CA GLU A 97 -10.88 -10.77 -1.65
C GLU A 97 -9.72 -11.72 -1.90
N PHE A 98 -8.71 -11.27 -2.63
CA PHE A 98 -7.53 -12.08 -2.92
C PHE A 98 -6.84 -12.56 -1.63
N VAL A 99 -6.60 -11.63 -0.72
CA VAL A 99 -5.91 -11.95 0.51
C VAL A 99 -6.76 -12.85 1.39
N ALA A 100 -8.06 -12.55 1.46
CA ALA A 100 -8.99 -13.33 2.29
C ALA A 100 -9.02 -14.76 1.77
N GLN A 101 -9.08 -14.91 0.45
CA GLN A 101 -9.14 -16.26 -0.13
C GLN A 101 -7.82 -17.03 0.10
N ALA A 102 -6.68 -16.34 -0.03
CA ALA A 102 -5.38 -16.98 0.18
C ALA A 102 -5.28 -17.52 1.60
N ILE A 103 -5.74 -16.73 2.56
CA ILE A 103 -5.71 -17.12 3.95
C ILE A 103 -6.68 -18.28 4.19
N ARG A 104 -7.88 -18.18 3.60
CA ARG A 104 -8.87 -19.26 3.77
C ARG A 104 -8.34 -20.58 3.24
N VAL A 105 -7.73 -20.53 2.05
CA VAL A 105 -7.18 -21.75 1.47
C VAL A 105 -6.04 -22.31 2.31
N ARG A 106 -5.13 -21.45 2.78
CA ARG A 106 -4.03 -21.93 3.61
C ARG A 106 -4.62 -22.61 4.86
N ASP A 107 -5.59 -21.96 5.47
CA ASP A 107 -6.21 -22.51 6.68
C ASP A 107 -6.88 -23.86 6.42
N GLU A 108 -7.58 -23.96 5.30
CA GLU A 108 -8.27 -25.20 4.95
C GLU A 108 -7.28 -26.32 4.63
N GLU A 109 -6.18 -25.99 3.97
CA GLU A 109 -5.17 -27.03 3.67
C GLU A 109 -4.65 -27.60 4.98
N LEU A 110 -4.48 -26.75 5.98
CA LEU A 110 -4.01 -27.23 7.26
C LEU A 110 -5.06 -28.09 7.94
N ARG A 111 -6.33 -27.70 7.82
CA ARG A 111 -7.43 -28.46 8.43
C ARG A 111 -7.52 -29.85 7.79
N LEU A 112 -7.34 -29.91 6.46
CA LEU A 112 -7.41 -31.18 5.76
C LEU A 112 -6.25 -32.08 6.17
N LYS A 113 -5.07 -31.50 6.26
CA LYS A 113 -3.88 -32.25 6.67
C LYS A 113 -4.08 -32.87 8.04
N GLU A 114 -4.60 -32.09 8.98
CA GLU A 114 -4.84 -32.55 10.34
C GLU A 114 -5.94 -33.60 10.42
N MET A 115 -6.94 -33.46 9.55
CA MET A 115 -8.03 -34.41 9.50
C MET A 115 -7.50 -35.77 9.02
N LYS A 116 -6.62 -35.72 8.03
CA LYS A 116 -6.04 -36.96 7.47
C LYS A 116 -5.16 -37.74 8.43
N GLN A 117 -4.66 -37.06 9.46
CA GLN A 117 -3.78 -37.69 10.44
C GLN A 117 -4.52 -38.54 11.47
N LYS A 118 -5.82 -38.34 11.62
CA LYS A 118 -6.63 -39.08 12.60
C LYS A 118 -6.84 -40.55 12.29
N LYS A 119 -7.05 -40.87 11.02
CA LYS A 119 -7.31 -42.24 10.56
C LYS A 119 -6.81 -42.29 9.11
N ASN A 120 -5.97 -43.28 8.78
CA ASN A 120 -5.42 -43.38 7.44
C ASN A 120 -6.44 -43.84 6.38
N VAL A 121 -6.82 -42.92 5.50
CA VAL A 121 -7.72 -43.21 4.40
C VAL A 121 -7.04 -42.70 3.12
N ASN A 122 -5.70 -42.60 3.17
CA ASN A 122 -4.91 -42.14 2.04
C ASN A 122 -5.19 -42.97 0.80
N ARG A 123 -5.54 -42.27 -0.28
CA ARG A 123 -5.87 -42.86 -1.58
C ARG A 123 -4.66 -43.00 -2.49
N ALA B 8 13.22 11.06 -16.73
CA ALA B 8 12.45 10.38 -17.81
C ALA B 8 10.95 10.60 -17.65
N GLU B 9 10.24 10.71 -18.76
CA GLU B 9 8.80 10.92 -18.72
C GLU B 9 8.09 9.57 -18.65
N SER B 10 6.90 9.57 -18.07
CA SER B 10 6.11 8.36 -17.98
C SER B 10 5.78 7.88 -19.39
N LYS B 11 5.71 6.56 -19.56
CA LYS B 11 5.35 5.96 -20.85
C LYS B 11 3.93 5.41 -20.78
N VAL B 12 3.25 5.61 -19.66
CA VAL B 12 1.89 5.11 -19.51
C VAL B 12 0.88 6.19 -19.92
N LEU B 13 0.37 6.09 -21.15
CA LEU B 13 -0.61 7.05 -21.64
C LEU B 13 -1.98 6.73 -21.05
N VAL B 14 -2.29 5.45 -20.94
CA VAL B 14 -3.54 4.98 -20.35
C VAL B 14 -3.24 3.81 -19.41
N LYS B 15 -3.64 3.96 -18.15
CA LYS B 15 -3.39 2.91 -17.16
C LYS B 15 -4.18 1.64 -17.43
N GLY B 16 -3.59 0.51 -17.06
CA GLY B 16 -4.25 -0.77 -17.24
C GLY B 16 -5.14 -1.06 -16.07
N THR B 17 -6.39 -1.40 -16.36
CA THR B 17 -7.34 -1.72 -15.29
C THR B 17 -7.98 -3.05 -15.66
N PRO B 18 -8.62 -3.70 -14.68
CA PRO B 18 -9.27 -4.99 -14.93
C PRO B 18 -10.18 -4.98 -16.14
N PHE B 19 -10.53 -3.78 -16.62
CA PHE B 19 -11.44 -3.66 -17.75
C PHE B 19 -10.84 -3.17 -19.07
N ASN B 20 -9.57 -2.77 -19.06
CA ASN B 20 -8.93 -2.32 -20.29
C ASN B 20 -7.42 -2.51 -20.35
N LYS B 21 -6.89 -2.43 -21.57
CA LYS B 21 -5.46 -2.59 -21.82
C LYS B 21 -4.75 -1.26 -21.67
N PRO B 22 -3.53 -1.27 -21.13
CA PRO B 22 -2.85 0.02 -21.01
C PRO B 22 -2.44 0.47 -22.41
N VAL B 23 -2.17 1.77 -22.55
CA VAL B 23 -1.70 2.31 -23.81
C VAL B 23 -0.34 2.87 -23.47
N ILE B 24 0.68 2.39 -24.18
CA ILE B 24 2.05 2.79 -23.92
C ILE B 24 2.62 3.74 -24.99
N LYS B 25 3.39 4.72 -24.53
CA LYS B 25 4.02 5.69 -25.41
C LYS B 25 5.18 5.02 -26.13
N GLY B 26 5.23 5.19 -27.45
CA GLY B 26 6.27 4.55 -28.23
C GLY B 26 5.72 3.30 -28.89
N LYS B 27 6.55 2.66 -29.72
CA LYS B 27 6.15 1.45 -30.42
C LYS B 27 6.86 0.19 -29.95
N LEU B 28 6.10 -0.90 -29.85
CA LEU B 28 6.67 -2.18 -29.45
C LEU B 28 7.89 -2.54 -30.31
N GLU B 29 7.79 -2.28 -31.62
CA GLU B 29 8.91 -2.60 -32.51
C GLU B 29 10.19 -1.83 -32.19
N ASN B 30 10.07 -0.73 -31.44
CA ASN B 30 11.21 0.09 -31.04
C ASN B 30 11.48 -0.08 -29.56
N ASN B 31 10.97 -1.15 -28.96
CA ASN B 31 11.13 -1.36 -27.50
C ASN B 31 10.56 -0.17 -26.73
N TYR B 32 9.55 0.49 -27.29
CA TYR B 32 8.93 1.64 -26.66
C TYR B 32 9.96 2.71 -26.30
N ASP B 33 10.99 2.81 -27.14
CA ASP B 33 12.07 3.79 -26.98
C ASP B 33 12.96 3.58 -25.77
N MET B 34 12.86 2.42 -25.13
CA MET B 34 13.72 2.13 -24.00
C MET B 34 15.09 1.69 -24.49
N SER B 35 16.11 1.85 -23.64
CA SER B 35 17.46 1.39 -23.97
C SER B 35 17.53 -0.15 -23.87
N GLN B 36 18.57 -0.76 -24.42
CA GLN B 36 18.70 -2.20 -24.34
C GLN B 36 18.79 -2.67 -22.88
N ASP B 37 19.51 -1.93 -22.05
CA ASP B 37 19.66 -2.33 -20.64
C ASP B 37 18.33 -2.22 -19.90
N GLU B 38 17.53 -1.22 -20.23
CA GLU B 38 16.23 -1.09 -19.60
C GLU B 38 15.35 -2.28 -20.00
N VAL B 39 15.37 -2.66 -21.28
CA VAL B 39 14.59 -3.80 -21.70
C VAL B 39 15.09 -5.08 -21.00
N SER B 40 16.41 -5.27 -20.99
CA SER B 40 16.98 -6.46 -20.35
C SER B 40 16.58 -6.52 -18.87
N LEU B 41 16.66 -5.40 -18.17
CA LEU B 41 16.28 -5.39 -16.75
C LEU B 41 14.79 -5.67 -16.58
N LEU B 42 13.95 -5.06 -17.42
CA LEU B 42 12.53 -5.33 -17.33
C LEU B 42 12.25 -6.84 -17.50
N LEU B 43 12.92 -7.48 -18.46
CA LEU B 43 12.73 -8.90 -18.71
C LEU B 43 13.26 -9.73 -17.54
N PHE B 44 14.37 -9.29 -16.95
CA PHE B 44 14.94 -9.99 -15.79
C PHE B 44 13.91 -9.94 -14.64
N LEU B 45 13.30 -8.78 -14.43
CA LEU B 45 12.29 -8.65 -13.38
C LEU B 45 11.12 -9.58 -13.62
N LYS B 46 10.68 -9.68 -14.88
CA LYS B 46 9.60 -10.58 -15.21
C LYS B 46 9.99 -12.04 -15.00
N THR B 47 11.21 -12.41 -15.38
CA THR B 47 11.69 -13.79 -15.25
C THR B 47 11.77 -14.23 -13.80
N HIS B 48 12.25 -13.33 -12.94
CA HIS B 48 12.35 -13.65 -11.51
C HIS B 48 10.95 -13.78 -10.91
N GLY B 49 10.07 -12.85 -11.27
CA GLY B 49 8.71 -12.83 -10.77
C GLY B 49 8.57 -12.24 -9.37
N GLY B 50 7.33 -11.92 -9.01
CA GLY B 50 7.04 -11.42 -7.69
C GLY B 50 7.80 -10.20 -7.22
N LYS B 51 8.45 -10.31 -6.05
CA LYS B 51 9.24 -9.23 -5.49
C LYS B 51 10.70 -9.53 -5.73
N ILE B 52 11.36 -8.66 -6.48
CA ILE B 52 12.76 -8.88 -6.79
C ILE B 52 13.69 -8.09 -5.87
N PRO B 53 14.47 -8.79 -5.02
CA PRO B 53 15.37 -8.03 -4.14
C PRO B 53 16.39 -7.23 -4.95
N LEU B 54 16.69 -6.01 -4.52
CA LEU B 54 17.68 -5.21 -5.23
C LEU B 54 19.01 -5.94 -5.29
N TYR B 55 19.36 -6.69 -4.25
CA TYR B 55 20.65 -7.36 -4.29
C TYR B 55 20.73 -8.42 -5.39
N ARG B 56 19.58 -8.97 -5.80
CA ARG B 56 19.56 -9.96 -6.88
C ARG B 56 19.91 -9.30 -8.22
N ILE B 57 19.43 -8.07 -8.40
CA ILE B 57 19.71 -7.36 -9.63
C ILE B 57 21.19 -7.04 -9.66
N LYS B 58 21.77 -6.71 -8.52
CA LYS B 58 23.19 -6.40 -8.49
C LYS B 58 24.04 -7.64 -8.70
N ASN B 59 23.64 -8.74 -8.08
CA ASN B 59 24.44 -9.96 -8.15
C ASN B 59 24.28 -10.77 -9.42
N GLU B 60 23.05 -10.78 -9.96
CA GLU B 60 22.78 -11.65 -11.08
C GLU B 60 22.70 -10.98 -12.43
N THR B 61 23.19 -9.75 -12.50
CA THR B 61 23.29 -9.04 -13.78
C THR B 61 24.67 -8.39 -13.80
N GLY B 62 25.06 -7.92 -14.97
CA GLY B 62 26.33 -7.21 -15.11
C GLY B 62 26.11 -5.71 -15.22
N LEU B 63 24.93 -5.22 -14.85
CA LEU B 63 24.69 -3.77 -14.95
C LEU B 63 25.65 -2.97 -14.08
N LYS B 64 26.33 -2.00 -14.67
CA LYS B 64 27.27 -1.15 -13.94
C LYS B 64 26.56 -0.28 -12.90
N ASP B 65 25.42 0.31 -13.29
CA ASP B 65 24.64 1.18 -12.41
C ASP B 65 23.16 0.74 -12.35
N PRO B 66 22.88 -0.40 -11.70
CA PRO B 66 21.54 -0.98 -11.53
C PRO B 66 20.45 0.00 -11.09
N GLU B 67 20.74 0.78 -10.05
CA GLU B 67 19.74 1.71 -9.54
C GLU B 67 19.33 2.78 -10.54
N SER B 68 20.24 3.14 -11.42
CA SER B 68 19.97 4.16 -12.44
C SER B 68 19.00 3.63 -13.47
N VAL B 69 19.22 2.38 -13.89
CA VAL B 69 18.34 1.78 -14.87
C VAL B 69 16.98 1.57 -14.22
N LEU B 70 16.96 1.12 -12.98
CA LEU B 70 15.70 0.95 -12.26
C LEU B 70 14.93 2.25 -12.15
N LYS B 71 15.65 3.35 -11.89
CA LYS B 71 14.99 4.64 -11.76
C LYS B 71 14.25 4.99 -13.03
N ASN B 72 14.85 4.70 -14.18
CA ASN B 72 14.16 4.99 -15.44
C ASN B 72 12.92 4.11 -15.58
N LEU B 73 13.02 2.81 -15.24
CA LEU B 73 11.86 1.93 -15.34
C LEU B 73 10.73 2.41 -14.44
N MET B 74 11.06 2.92 -13.26
CA MET B 74 10.05 3.44 -12.36
C MET B 74 9.43 4.72 -12.93
N ASP B 75 10.28 5.61 -13.46
CA ASP B 75 9.78 6.85 -14.05
C ASP B 75 8.87 6.59 -15.24
N TYR B 76 9.17 5.55 -16.02
CA TYR B 76 8.35 5.17 -17.17
C TYR B 76 6.99 4.65 -16.71
N GLY B 77 6.93 4.17 -15.46
CA GLY B 77 5.69 3.65 -14.91
C GLY B 77 5.62 2.13 -15.02
N PHE B 78 6.78 1.50 -15.18
CA PHE B 78 6.81 0.05 -15.35
C PHE B 78 7.22 -0.75 -14.11
N ALA B 79 7.77 -0.08 -13.10
CA ALA B 79 8.21 -0.77 -11.89
C ALA B 79 8.04 0.15 -10.69
N LEU B 80 8.01 -0.47 -9.51
CA LEU B 80 7.88 0.25 -8.24
C LEU B 80 8.87 -0.33 -7.25
N GLU B 81 9.24 0.51 -6.27
CA GLU B 81 10.20 0.14 -5.22
C GLU B 81 9.38 -0.14 -3.97
N ASP B 82 9.87 -1.08 -3.19
CA ASP B 82 9.19 -1.50 -2.00
C ASP B 82 10.18 -1.85 -0.90
N LYS B 83 9.94 -1.37 0.32
CA LYS B 83 10.78 -1.75 1.46
C LYS B 83 10.02 -2.77 2.30
N GLU B 84 10.59 -3.95 2.46
CA GLU B 84 9.96 -5.00 3.25
C GLU B 84 10.98 -5.71 4.11
N ARG B 85 10.73 -5.73 5.41
CA ARG B 85 11.64 -6.38 6.35
C ARG B 85 13.08 -5.90 6.09
N LEU B 86 13.19 -4.58 5.95
CA LEU B 86 14.47 -3.91 5.77
C LEU B 86 15.13 -4.06 4.40
N GLY B 87 14.58 -4.93 3.55
CA GLY B 87 15.18 -5.12 2.24
C GLY B 87 14.44 -4.43 1.12
N GLU B 88 15.18 -3.85 0.17
CA GLU B 88 14.53 -3.17 -0.96
C GLU B 88 14.06 -4.20 -1.96
N LYS B 89 12.79 -4.12 -2.35
CA LYS B 89 12.19 -5.05 -3.30
C LYS B 89 11.70 -4.25 -4.50
N ILE B 90 11.81 -4.82 -5.69
CA ILE B 90 11.31 -4.13 -6.87
C ILE B 90 10.17 -4.99 -7.39
N VAL B 91 9.09 -4.36 -7.90
CA VAL B 91 8.01 -5.15 -8.45
C VAL B 91 7.60 -4.49 -9.78
N LEU B 92 7.08 -5.30 -10.68
CA LEU B 92 6.59 -4.75 -11.96
C LEU B 92 5.17 -4.24 -11.77
N THR B 93 4.85 -3.10 -12.37
CA THR B 93 3.47 -2.60 -12.34
C THR B 93 2.66 -3.39 -13.39
N SER B 94 1.35 -3.18 -13.46
CA SER B 94 0.57 -3.90 -14.46
C SER B 94 1.06 -3.49 -15.85
N GLU B 95 1.50 -2.24 -16.01
CA GLU B 95 2.01 -1.79 -17.30
C GLU B 95 3.38 -2.40 -17.62
N GLY B 96 4.21 -2.57 -16.60
CA GLY B 96 5.50 -3.20 -16.83
C GLY B 96 5.31 -4.67 -17.22
N GLU B 97 4.31 -5.31 -16.60
CA GLU B 97 3.98 -6.69 -16.90
C GLU B 97 3.54 -6.78 -18.36
N PHE B 98 2.68 -5.85 -18.75
CA PHE B 98 2.17 -5.82 -20.12
C PHE B 98 3.29 -5.68 -21.16
N VAL B 99 4.18 -4.72 -20.91
CA VAL B 99 5.29 -4.47 -21.82
C VAL B 99 6.29 -5.63 -21.86
N ALA B 100 6.62 -6.18 -20.71
CA ALA B 100 7.55 -7.29 -20.69
C ALA B 100 7.00 -8.48 -21.43
N GLN B 101 5.72 -8.77 -21.23
CA GLN B 101 5.05 -9.88 -21.89
C GLN B 101 5.02 -9.66 -23.40
N ALA B 102 4.76 -8.43 -23.84
CA ALA B 102 4.71 -8.14 -25.28
C ALA B 102 6.08 -8.36 -25.91
N ILE B 103 7.13 -7.94 -25.22
CA ILE B 103 8.47 -8.08 -25.73
C ILE B 103 8.92 -9.54 -25.75
N ARG B 104 8.57 -10.29 -24.71
CA ARG B 104 8.95 -11.69 -24.65
C ARG B 104 8.36 -12.44 -25.84
N VAL B 105 7.08 -12.20 -26.11
CA VAL B 105 6.40 -12.85 -27.23
C VAL B 105 7.04 -12.44 -28.55
N ARG B 106 7.28 -11.15 -28.71
CA ARG B 106 7.92 -10.66 -29.93
C ARG B 106 9.26 -11.33 -30.22
N ASP B 107 10.10 -11.38 -29.19
CA ASP B 107 11.42 -11.94 -29.32
C ASP B 107 11.48 -13.45 -29.56
N GLU B 108 10.56 -14.22 -28.98
CA GLU B 108 10.56 -15.67 -29.19
C GLU B 108 10.03 -15.92 -30.61
N GLU B 109 9.06 -15.14 -31.03
CA GLU B 109 8.52 -15.27 -32.39
C GLU B 109 9.69 -15.04 -33.36
N LEU B 110 10.51 -14.00 -33.11
CA LEU B 110 11.65 -13.74 -33.99
C LEU B 110 12.70 -14.85 -33.95
N ARG B 111 12.99 -15.37 -32.77
CA ARG B 111 13.97 -16.45 -32.67
C ARG B 111 13.49 -17.63 -33.54
N LEU B 112 12.22 -17.97 -33.41
CA LEU B 112 11.67 -19.09 -34.16
C LEU B 112 11.72 -18.82 -35.66
N LYS B 113 11.45 -17.59 -36.06
CA LYS B 113 11.48 -17.26 -37.49
C LYS B 113 12.87 -17.36 -38.08
N GLU B 114 13.88 -16.90 -37.36
CA GLU B 114 15.24 -16.96 -37.87
C GLU B 114 15.75 -18.39 -37.95
N MET B 115 15.24 -19.28 -37.12
CA MET B 115 15.74 -20.65 -37.19
C MET B 115 15.03 -21.48 -38.27
N LYS B 116 13.82 -21.10 -38.63
CA LYS B 116 13.11 -21.85 -39.66
C LYS B 116 13.66 -21.40 -41.01
N GLN B 117 14.69 -20.56 -40.94
CA GLN B 117 15.37 -20.05 -42.13
C GLN B 117 16.06 -21.20 -42.87
N LYS B 118 16.02 -22.39 -42.27
CA LYS B 118 16.63 -23.61 -42.84
C LYS B 118 16.86 -23.58 -44.36
N LYS B 119 15.86 -23.09 -45.09
CA LYS B 119 15.92 -23.01 -46.55
C LYS B 119 15.55 -24.34 -47.19
N MET C 7 9.53 -19.05 10.40
CA MET C 7 9.64 -17.56 10.42
C MET C 7 9.01 -17.01 11.71
N ALA C 8 9.44 -15.82 12.12
CA ALA C 8 8.89 -15.20 13.31
C ALA C 8 7.44 -14.87 12.96
N GLU C 9 6.56 -15.04 13.92
CA GLU C 9 5.13 -14.83 13.73
C GLU C 9 4.57 -13.69 14.60
N SER C 10 3.51 -13.06 14.11
CA SER C 10 2.86 -11.98 14.86
C SER C 10 2.49 -12.36 16.26
N LYS C 11 2.75 -11.45 17.21
CA LYS C 11 2.35 -11.66 18.60
C LYS C 11 1.16 -10.75 18.92
N VAL C 12 0.60 -10.08 17.92
CA VAL C 12 -0.53 -9.19 18.19
C VAL C 12 -1.84 -9.84 17.86
N LEU C 13 -2.52 -10.32 18.92
CA LEU C 13 -3.82 -10.93 18.73
C LEU C 13 -4.92 -9.89 18.57
N VAL C 14 -4.84 -8.80 19.33
CA VAL C 14 -5.84 -7.73 19.23
C VAL C 14 -5.12 -6.41 19.40
N LYS C 15 -5.29 -5.49 18.45
CA LYS C 15 -4.63 -4.19 18.61
C LYS C 15 -5.36 -3.34 19.64
N GLY C 16 -4.60 -2.53 20.36
CA GLY C 16 -5.23 -1.69 21.36
C GLY C 16 -5.98 -0.54 20.70
N THR C 17 -7.06 -0.12 21.32
CA THR C 17 -7.86 1.00 20.81
C THR C 17 -8.37 1.75 22.04
N PRO C 18 -9.05 2.89 21.84
CA PRO C 18 -9.56 3.62 23.00
C PRO C 18 -10.61 2.79 23.75
N PHE C 19 -11.09 1.72 23.10
CA PHE C 19 -12.11 0.83 23.67
C PHE C 19 -11.60 -0.49 24.24
N ASN C 20 -10.30 -0.77 24.09
CA ASN C 20 -9.77 -2.01 24.63
C ASN C 20 -8.26 -2.06 24.71
N LYS C 21 -7.77 -2.78 25.70
CA LYS C 21 -6.33 -2.95 25.86
C LYS C 21 -5.86 -3.92 24.76
N PRO C 22 -4.57 -3.85 24.38
CA PRO C 22 -4.08 -4.77 23.35
C PRO C 22 -4.01 -6.17 23.97
N VAL C 23 -4.01 -7.20 23.13
CA VAL C 23 -3.88 -8.58 23.59
C VAL C 23 -2.67 -9.14 22.85
N ILE C 24 -1.64 -9.49 23.61
CA ILE C 24 -0.38 -10.02 23.09
C ILE C 24 -0.25 -11.53 23.32
N LYS C 25 0.27 -12.22 22.31
CA LYS C 25 0.46 -13.68 22.40
C LYS C 25 1.65 -13.96 23.33
N GLY C 26 1.47 -14.89 24.27
CA GLY C 26 2.57 -15.21 25.18
C GLY C 26 2.36 -14.51 26.50
N LYS C 27 3.21 -14.77 27.49
CA LYS C 27 3.06 -14.17 28.81
C LYS C 27 4.21 -13.26 29.18
N LEU C 28 3.87 -12.20 29.92
CA LEU C 28 4.86 -11.23 30.38
C LEU C 28 5.96 -11.94 31.18
N GLU C 29 5.60 -12.94 32.00
CA GLU C 29 6.64 -13.59 32.80
C GLU C 29 7.73 -14.26 31.95
N ASN C 30 7.41 -14.60 30.70
CA ASN C 30 8.38 -15.25 29.81
C ASN C 30 8.86 -14.27 28.72
N ASN C 31 8.73 -12.97 28.98
CA ASN C 31 9.09 -11.96 27.97
C ASN C 31 8.33 -12.20 26.64
N TYR C 32 7.09 -12.69 26.75
CA TYR C 32 6.25 -12.98 25.59
C TYR C 32 6.99 -13.87 24.60
N ASP C 33 7.77 -14.80 25.14
CA ASP C 33 8.57 -15.76 24.39
C ASP C 33 9.72 -15.14 23.58
N MET C 34 10.05 -13.89 23.89
CA MET C 34 11.14 -13.25 23.19
C MET C 34 12.51 -13.65 23.72
N SER C 35 13.53 -13.53 22.87
CA SER C 35 14.88 -13.83 23.31
C SER C 35 15.44 -12.63 24.05
N GLN C 36 16.54 -12.85 24.77
CA GLN C 36 17.17 -11.76 25.49
C GLN C 36 17.59 -10.64 24.56
N ASP C 37 18.08 -10.99 23.36
CA ASP C 37 18.49 -9.96 22.42
C ASP C 37 17.29 -9.17 21.90
N GLU C 38 16.15 -9.84 21.76
CA GLU C 38 14.94 -9.16 21.28
C GLU C 38 14.48 -8.19 22.35
N VAL C 39 14.51 -8.62 23.60
CA VAL C 39 14.11 -7.73 24.69
C VAL C 39 15.06 -6.55 24.74
N SER C 40 16.35 -6.82 24.61
CA SER C 40 17.34 -5.76 24.66
C SER C 40 17.10 -4.73 23.57
N LEU C 41 16.85 -5.19 22.34
CA LEU C 41 16.60 -4.24 21.26
C LEU C 41 15.31 -3.45 21.48
N LEU C 42 14.27 -4.13 21.95
CA LEU C 42 13.00 -3.46 22.21
C LEU C 42 13.21 -2.34 23.25
N LEU C 43 13.94 -2.63 24.34
CA LEU C 43 14.14 -1.59 25.35
C LEU C 43 15.08 -0.50 24.86
N PHE C 44 16.06 -0.88 24.05
CA PHE C 44 16.94 0.12 23.47
C PHE C 44 16.06 1.10 22.69
N LEU C 45 15.16 0.58 21.85
CA LEU C 45 14.30 1.47 21.07
C LEU C 45 13.43 2.34 21.95
N LYS C 46 12.89 1.76 23.02
CA LYS C 46 12.02 2.56 23.88
C LYS C 46 12.78 3.71 24.55
N THR C 47 14.03 3.49 24.95
CA THR C 47 14.79 4.55 25.60
C THR C 47 15.21 5.63 24.60
N HIS C 48 15.08 5.34 23.31
CA HIS C 48 15.35 6.37 22.30
C HIS C 48 14.04 7.01 21.86
N GLY C 49 13.00 6.90 22.68
CA GLY C 49 11.72 7.49 22.36
C GLY C 49 10.87 6.72 21.38
N GLY C 50 11.28 5.48 21.12
CA GLY C 50 10.53 4.61 20.25
C GLY C 50 10.81 4.80 18.77
N LYS C 51 11.67 5.76 18.44
CA LYS C 51 11.98 6.05 17.03
C LYS C 51 13.47 6.31 16.88
N ILE C 52 14.06 5.76 15.82
CA ILE C 52 15.48 5.95 15.58
C ILE C 52 15.83 5.63 14.13
N PRO C 53 16.74 6.41 13.53
CA PRO C 53 17.10 6.10 12.16
C PRO C 53 17.72 4.71 12.08
N LEU C 54 17.35 3.96 11.04
CA LEU C 54 17.84 2.62 10.87
C LEU C 54 19.37 2.49 10.88
N TYR C 55 20.06 3.44 10.27
CA TYR C 55 21.51 3.35 10.23
C TYR C 55 22.16 3.27 11.60
N ARG C 56 21.53 3.85 12.63
CA ARG C 56 22.10 3.81 13.98
C ARG C 56 21.95 2.45 14.63
N ILE C 57 21.00 1.67 14.15
CA ILE C 57 20.79 0.35 14.73
C ILE C 57 21.91 -0.62 14.37
N LYS C 58 22.57 -0.40 13.23
CA LYS C 58 23.65 -1.28 12.82
C LYS C 58 24.81 -1.33 13.82
N ASN C 59 25.09 -0.22 14.49
CA ASN C 59 26.23 -0.25 15.42
C ASN C 59 26.05 0.33 16.81
N GLU C 60 24.85 0.79 17.19
CA GLU C 60 24.72 1.37 18.53
C GLU C 60 24.06 0.47 19.56
N THR C 61 23.62 -0.72 19.15
CA THR C 61 22.93 -1.62 20.09
C THR C 61 23.75 -2.61 20.87
N GLY C 62 24.97 -2.88 20.41
CA GLY C 62 25.80 -3.85 21.10
C GLY C 62 25.41 -5.30 20.83
N LEU C 63 24.45 -5.51 19.94
CA LEU C 63 24.01 -6.85 19.61
C LEU C 63 24.81 -7.37 18.41
N LYS C 64 24.99 -8.68 18.35
CA LYS C 64 25.76 -9.30 17.26
C LYS C 64 25.13 -9.18 15.87
N ASP C 65 23.82 -9.38 15.77
CA ASP C 65 23.14 -9.28 14.49
C ASP C 65 21.88 -8.47 14.71
N PRO C 66 22.02 -7.16 14.90
CA PRO C 66 20.88 -6.26 15.14
C PRO C 66 19.80 -6.27 14.08
N GLU C 67 20.18 -6.30 12.81
CA GLU C 67 19.18 -6.31 11.76
C GLU C 67 18.27 -7.55 11.86
N SER C 68 18.86 -8.70 12.19
CA SER C 68 18.11 -9.94 12.32
C SER C 68 17.12 -9.89 13.51
N VAL C 69 17.59 -9.35 14.61
CA VAL C 69 16.75 -9.22 15.79
C VAL C 69 15.61 -8.25 15.47
N LEU C 70 15.95 -7.15 14.79
CA LEU C 70 14.94 -6.17 14.41
C LEU C 70 13.87 -6.76 13.51
N LYS C 71 14.28 -7.59 12.55
CA LYS C 71 13.29 -8.20 11.68
C LYS C 71 12.32 -9.05 12.51
N ASN C 72 12.81 -9.70 13.57
CA ASN C 72 11.90 -10.46 14.41
C ASN C 72 10.91 -9.52 15.10
N LEU C 73 11.39 -8.42 15.66
CA LEU C 73 10.48 -7.48 16.32
C LEU C 73 9.42 -6.99 15.33
N MET C 74 9.81 -6.77 14.07
CA MET C 74 8.86 -6.33 13.06
C MET C 74 7.82 -7.40 12.81
N ASP C 75 8.28 -8.63 12.63
CA ASP C 75 7.38 -9.74 12.39
C ASP C 75 6.42 -9.96 13.57
N TYR C 76 6.89 -9.68 14.79
CA TYR C 76 6.03 -9.82 15.96
C TYR C 76 4.95 -8.75 16.00
N GLY C 77 5.14 -7.67 15.23
CA GLY C 77 4.19 -6.56 15.20
C GLY C 77 4.55 -5.47 16.20
N PHE C 78 5.81 -5.46 16.64
CA PHE C 78 6.26 -4.47 17.64
C PHE C 78 6.98 -3.24 17.07
N ALA C 79 7.36 -3.30 15.80
CA ALA C 79 8.05 -2.18 15.20
C ALA C 79 7.80 -2.18 13.70
N LEU C 80 8.01 -1.03 13.09
CA LEU C 80 7.87 -0.93 11.63
C LEU C 80 8.92 0.02 11.09
N GLU C 81 9.11 0.00 9.77
CA GLU C 81 10.08 0.89 9.12
C GLU C 81 9.32 2.02 8.44
N ASP C 82 9.77 3.26 8.62
CA ASP C 82 9.07 4.41 8.02
C ASP C 82 9.96 5.30 7.16
N LYS C 83 9.48 5.62 5.97
CA LYS C 83 10.20 6.50 5.06
C LYS C 83 9.85 7.92 5.51
N GLU C 84 10.84 8.65 6.02
CA GLU C 84 10.59 10.01 6.47
C GLU C 84 11.57 10.99 5.83
N ARG C 85 11.38 12.28 6.11
CA ARG C 85 12.24 13.33 5.59
C ARG C 85 13.70 12.86 5.54
N LEU C 86 14.31 12.67 6.71
CA LEU C 86 15.71 12.23 6.80
C LEU C 86 16.02 10.77 6.47
N GLY C 87 15.21 10.13 5.63
CA GLY C 87 15.49 8.74 5.28
C GLY C 87 14.64 7.71 6.00
N GLU C 88 15.22 6.53 6.23
CA GLU C 88 14.51 5.43 6.86
C GLU C 88 14.61 5.37 8.38
N LYS C 89 13.46 5.35 9.04
CA LYS C 89 13.39 5.31 10.50
C LYS C 89 12.70 4.05 10.99
N ILE C 90 13.08 3.58 12.18
CA ILE C 90 12.45 2.40 12.78
C ILE C 90 11.59 2.98 13.91
N VAL C 91 10.34 2.54 14.01
CA VAL C 91 9.42 3.10 15.01
C VAL C 91 8.65 2.00 15.72
N LEU C 92 8.56 2.08 17.04
CA LEU C 92 7.78 1.07 17.72
C LEU C 92 6.29 1.31 17.45
N THR C 93 5.54 0.23 17.38
CA THR C 93 4.09 0.29 17.21
C THR C 93 3.52 0.48 18.63
N SER C 94 2.22 0.78 18.73
CA SER C 94 1.61 0.93 20.03
C SER C 94 1.75 -0.36 20.84
N GLU C 95 1.71 -1.50 20.15
CA GLU C 95 1.84 -2.78 20.85
C GLU C 95 3.27 -3.02 21.32
N GLY C 96 4.27 -2.60 20.51
CA GLY C 96 5.65 -2.70 20.94
C GLY C 96 5.88 -1.79 22.15
N GLU C 97 5.25 -0.62 22.17
CA GLU C 97 5.40 0.29 23.32
C GLU C 97 4.79 -0.33 24.59
N PHE C 98 3.64 -0.96 24.42
CA PHE C 98 2.92 -1.62 25.51
C PHE C 98 3.81 -2.71 26.11
N VAL C 99 4.33 -3.58 25.26
CA VAL C 99 5.17 -4.67 25.73
C VAL C 99 6.44 -4.14 26.40
N ALA C 100 7.05 -3.10 25.83
CA ALA C 100 8.23 -2.52 26.41
C ALA C 100 7.92 -2.01 27.81
N GLN C 101 6.80 -1.29 27.96
CA GLN C 101 6.49 -0.77 29.30
C GLN C 101 6.16 -1.86 30.30
N ALA C 102 5.46 -2.90 29.86
CA ALA C 102 5.15 -4.01 30.76
C ALA C 102 6.44 -4.65 31.30
N ILE C 103 7.42 -4.85 30.42
CA ILE C 103 8.68 -5.42 30.83
C ILE C 103 9.45 -4.45 31.73
N ARG C 104 9.50 -3.16 31.38
CA ARG C 104 10.20 -2.21 32.24
C ARG C 104 9.63 -2.20 33.65
N VAL C 105 8.31 -2.16 33.76
CA VAL C 105 7.67 -2.14 35.06
C VAL C 105 7.92 -3.44 35.81
N ARG C 106 7.80 -4.58 35.13
CA ARG C 106 8.07 -5.87 35.79
C ARG C 106 9.50 -5.88 36.37
N ASP C 107 10.47 -5.47 35.57
CA ASP C 107 11.85 -5.46 36.02
C ASP C 107 12.04 -4.53 37.22
N GLU C 108 11.41 -3.36 37.16
CA GLU C 108 11.56 -2.38 38.24
C GLU C 108 10.96 -2.95 39.53
N GLU C 109 9.82 -3.61 39.40
CA GLU C 109 9.16 -4.22 40.57
C GLU C 109 10.00 -5.33 41.17
N LEU C 110 10.70 -6.11 40.34
CA LEU C 110 11.57 -7.15 40.89
C LEU C 110 12.71 -6.54 41.69
N ARG C 111 13.28 -5.43 41.21
CA ARG C 111 14.36 -4.75 41.92
C ARG C 111 13.87 -4.28 43.29
N LEU C 112 12.63 -3.83 43.37
CA LEU C 112 12.08 -3.36 44.63
C LEU C 112 11.90 -4.58 45.53
N LYS C 113 11.35 -5.64 44.96
CA LYS C 113 11.12 -6.86 45.75
C LYS C 113 12.42 -7.40 46.35
N GLU C 114 13.45 -7.56 45.54
CA GLU C 114 14.69 -8.13 46.06
C GLU C 114 15.38 -7.32 47.16
N MET C 115 15.09 -6.02 47.27
CA MET C 115 15.68 -5.20 48.31
C MET C 115 14.77 -5.20 49.53
N LYS C 116 13.49 -5.49 49.32
CA LYS C 116 12.53 -5.52 50.42
C LYS C 116 12.71 -6.82 51.19
N GLN C 117 12.81 -7.93 50.47
CA GLN C 117 13.00 -9.23 51.10
C GLN C 117 14.41 -9.39 51.65
N MET D 7 -1.30 28.71 3.50
CA MET D 7 -2.58 28.42 2.79
C MET D 7 -2.64 29.16 1.45
N ALA D 8 -2.73 28.39 0.36
CA ALA D 8 -2.81 28.98 -0.98
C ALA D 8 -4.10 29.77 -1.05
N GLU D 9 -4.23 30.64 -2.06
CA GLU D 9 -5.44 31.43 -2.17
C GLU D 9 -6.52 30.80 -3.00
N SER D 10 -7.75 31.14 -2.66
CA SER D 10 -8.91 30.62 -3.37
C SER D 10 -8.82 31.04 -4.83
N LYS D 11 -9.21 30.15 -5.73
CA LYS D 11 -9.26 30.48 -7.15
C LYS D 11 -10.72 30.75 -7.55
N VAL D 12 -11.63 30.76 -6.58
CA VAL D 12 -13.04 31.00 -6.89
C VAL D 12 -13.33 32.49 -6.67
N LEU D 13 -13.37 33.24 -7.77
CA LEU D 13 -13.66 34.68 -7.72
C LEU D 13 -15.16 34.93 -7.51
N VAL D 14 -16.00 34.15 -8.21
CA VAL D 14 -17.45 34.23 -8.02
C VAL D 14 -17.88 32.77 -8.07
N LYS D 15 -18.66 32.33 -7.09
CA LYS D 15 -19.09 30.94 -7.06
C LYS D 15 -19.93 30.49 -8.27
N GLY D 16 -19.97 29.17 -8.45
CA GLY D 16 -20.78 28.57 -9.47
C GLY D 16 -22.11 28.23 -8.81
N THR D 17 -23.16 28.15 -9.61
CA THR D 17 -24.49 27.83 -9.12
C THR D 17 -25.14 26.95 -10.18
N PRO D 18 -26.36 26.47 -9.92
CA PRO D 18 -27.02 25.64 -10.93
C PRO D 18 -27.15 26.36 -12.27
N PHE D 19 -27.38 27.67 -12.22
CA PHE D 19 -27.56 28.42 -13.46
C PHE D 19 -26.32 29.15 -13.98
N ASN D 20 -25.34 29.38 -13.11
CA ASN D 20 -24.16 30.13 -13.50
C ASN D 20 -22.82 29.43 -13.40
N LYS D 21 -22.01 29.61 -14.43
CA LYS D 21 -20.64 29.12 -14.41
C LYS D 21 -19.86 30.03 -13.44
N PRO D 22 -18.92 29.46 -12.70
CA PRO D 22 -18.12 30.23 -11.77
C PRO D 22 -17.12 31.10 -12.49
N VAL D 23 -16.57 32.09 -11.79
CA VAL D 23 -15.50 32.90 -12.35
C VAL D 23 -14.27 32.40 -11.60
N ILE D 24 -13.31 31.88 -12.34
CA ILE D 24 -12.10 31.28 -11.75
C ILE D 24 -10.88 32.15 -11.99
N LYS D 25 -10.03 32.25 -10.97
CA LYS D 25 -8.79 33.02 -11.06
C LYS D 25 -7.82 32.25 -11.93
N GLY D 26 -7.24 32.92 -12.92
CA GLY D 26 -6.32 32.23 -13.81
C GLY D 26 -7.04 31.90 -15.09
N LYS D 27 -6.31 31.35 -16.06
CA LYS D 27 -6.91 31.00 -17.36
C LYS D 27 -6.85 29.51 -17.66
N LEU D 28 -7.84 29.03 -18.41
CA LEU D 28 -7.92 27.63 -18.79
C LEU D 28 -6.67 27.17 -19.52
N GLU D 29 -6.15 28.02 -20.39
CA GLU D 29 -4.96 27.67 -21.17
C GLU D 29 -3.71 27.42 -20.34
N ASN D 30 -3.79 27.69 -19.04
CA ASN D 30 -2.66 27.47 -18.13
C ASN D 30 -3.12 26.60 -16.99
N ASN D 31 -4.22 25.88 -17.19
CA ASN D 31 -4.78 25.06 -16.14
C ASN D 31 -5.00 25.86 -14.86
N TYR D 32 -5.37 27.13 -15.05
CA TYR D 32 -5.67 28.03 -13.94
C TYR D 32 -4.52 28.11 -12.94
N ASP D 33 -3.30 28.06 -13.47
CA ASP D 33 -2.07 28.13 -12.69
C ASP D 33 -1.81 26.93 -11.77
N MET D 34 -2.50 25.82 -12.02
CA MET D 34 -2.30 24.61 -11.22
C MET D 34 -1.13 23.76 -11.70
N SER D 35 -0.57 22.98 -10.77
CA SER D 35 0.55 22.09 -11.05
C SER D 35 0.02 20.82 -11.71
N GLN D 36 0.93 19.96 -12.18
CA GLN D 36 0.50 18.74 -12.83
C GLN D 36 -0.07 17.75 -11.84
N ASP D 37 0.54 17.65 -10.66
CA ASP D 37 0.01 16.75 -9.66
C ASP D 37 -1.37 17.24 -9.26
N GLU D 38 -1.54 18.56 -9.21
CA GLU D 38 -2.84 19.17 -8.85
C GLU D 38 -3.92 18.79 -9.86
N VAL D 39 -3.59 18.88 -11.13
CA VAL D 39 -4.53 18.49 -12.18
C VAL D 39 -4.84 16.98 -12.07
N SER D 40 -3.87 16.14 -11.75
CA SER D 40 -4.15 14.71 -11.66
C SER D 40 -5.08 14.33 -10.54
N LEU D 41 -4.85 14.89 -9.35
CA LEU D 41 -5.72 14.56 -8.23
C LEU D 41 -7.12 15.06 -8.55
N LEU D 42 -7.19 16.24 -9.18
CA LEU D 42 -8.49 16.83 -9.52
C LEU D 42 -9.29 15.86 -10.41
N LEU D 43 -8.66 15.32 -11.43
CA LEU D 43 -9.34 14.36 -12.31
C LEU D 43 -9.66 13.03 -11.61
N PHE D 44 -8.81 12.64 -10.67
CA PHE D 44 -9.02 11.39 -9.93
C PHE D 44 -10.30 11.53 -9.12
N LEU D 45 -10.47 12.67 -8.49
CA LEU D 45 -11.65 12.87 -7.65
C LEU D 45 -12.89 12.91 -8.54
N LYS D 46 -12.70 13.44 -9.75
CA LYS D 46 -13.78 13.57 -10.73
C LYS D 46 -14.21 12.19 -11.19
N THR D 47 -13.23 11.35 -11.49
CA THR D 47 -13.46 9.98 -11.95
C THR D 47 -14.23 9.14 -10.93
N HIS D 48 -13.95 9.32 -9.65
CA HIS D 48 -14.68 8.58 -8.63
C HIS D 48 -15.93 9.39 -8.22
N GLY D 49 -16.45 10.12 -9.20
CA GLY D 49 -17.64 10.93 -9.02
C GLY D 49 -18.11 11.49 -7.69
N GLY D 50 -17.20 11.76 -6.76
CA GLY D 50 -17.65 12.31 -5.50
C GLY D 50 -17.55 11.34 -4.35
N LYS D 51 -16.97 10.18 -4.64
CA LYS D 51 -16.78 9.14 -3.65
C LYS D 51 -15.31 8.95 -3.47
N ILE D 52 -14.72 9.72 -2.57
CA ILE D 52 -13.30 9.59 -2.33
C ILE D 52 -12.96 9.62 -0.84
N PRO D 53 -13.19 8.51 -0.13
CA PRO D 53 -12.85 8.50 1.29
C PRO D 53 -11.35 8.81 1.42
N LEU D 54 -10.98 9.50 2.47
CA LEU D 54 -9.58 9.87 2.59
C LEU D 54 -8.58 8.74 2.34
N TYR D 55 -8.87 7.51 2.79
CA TYR D 55 -7.92 6.42 2.56
C TYR D 55 -7.74 6.02 1.10
N ARG D 56 -8.72 6.27 0.24
CA ARG D 56 -8.54 5.86 -1.13
C ARG D 56 -7.59 6.79 -1.83
N ILE D 57 -7.52 8.04 -1.35
CA ILE D 57 -6.61 9.06 -1.89
C ILE D 57 -5.20 8.76 -1.34
N LYS D 58 -5.12 8.23 -0.12
CA LYS D 58 -3.81 7.89 0.43
C LYS D 58 -3.26 6.73 -0.40
N ASN D 59 -4.16 5.84 -0.82
CA ASN D 59 -3.75 4.63 -1.51
C ASN D 59 -3.66 4.48 -3.02
N GLU D 60 -4.58 5.09 -3.76
CA GLU D 60 -4.65 4.81 -5.18
C GLU D 60 -4.39 5.90 -6.20
N THR D 61 -3.87 7.07 -5.77
CA THR D 61 -3.63 8.17 -6.72
C THR D 61 -2.30 8.12 -7.45
N GLY D 62 -1.35 7.39 -6.90
CA GLY D 62 -0.05 7.28 -7.55
C GLY D 62 0.75 8.57 -7.56
N LEU D 63 0.54 9.40 -6.54
CA LEU D 63 1.24 10.68 -6.41
C LEU D 63 2.33 10.65 -5.34
N LYS D 64 3.31 11.53 -5.50
CA LYS D 64 4.46 11.67 -4.60
C LYS D 64 4.11 12.16 -3.19
N ASP D 65 3.15 13.07 -3.10
CA ASP D 65 2.73 13.63 -1.82
C ASP D 65 1.27 14.05 -1.94
N PRO D 66 0.35 13.06 -2.07
CA PRO D 66 -1.09 13.30 -2.21
C PRO D 66 -1.67 14.28 -1.20
N GLU D 67 -1.23 14.18 0.05
CA GLU D 67 -1.75 15.04 1.09
C GLU D 67 -1.53 16.53 0.77
N SER D 68 -0.34 16.85 0.26
CA SER D 68 0.00 18.23 -0.06
C SER D 68 -0.77 18.75 -1.26
N VAL D 69 -0.86 17.92 -2.29
CA VAL D 69 -1.59 18.28 -3.50
C VAL D 69 -3.07 18.50 -3.17
N LEU D 70 -3.62 17.63 -2.32
CA LEU D 70 -5.02 17.72 -1.94
C LEU D 70 -5.25 19.01 -1.16
N LYS D 71 -4.32 19.33 -0.26
CA LYS D 71 -4.45 20.54 0.55
C LYS D 71 -4.57 21.75 -0.37
N ASN D 72 -3.75 21.79 -1.42
CA ASN D 72 -3.79 22.91 -2.38
C ASN D 72 -5.15 22.96 -3.08
N LEU D 73 -5.66 21.81 -3.52
CA LEU D 73 -6.96 21.83 -4.18
C LEU D 73 -8.04 22.36 -3.26
N MET D 74 -7.94 22.01 -1.99
CA MET D 74 -8.91 22.48 -1.02
C MET D 74 -8.79 24.00 -0.81
N ASP D 75 -7.56 24.48 -0.72
CA ASP D 75 -7.34 25.91 -0.54
C ASP D 75 -7.81 26.68 -1.76
N TYR D 76 -7.71 26.08 -2.95
CA TYR D 76 -8.17 26.76 -4.17
C TYR D 76 -9.70 26.87 -4.22
N GLY D 77 -10.40 26.06 -3.41
CA GLY D 77 -11.85 26.07 -3.39
C GLY D 77 -12.45 25.01 -4.30
N PHE D 78 -11.63 24.00 -4.65
CA PHE D 78 -12.06 22.93 -5.57
C PHE D 78 -12.47 21.61 -4.93
N ALA D 79 -12.22 21.46 -3.63
CA ALA D 79 -12.56 20.24 -2.89
C ALA D 79 -12.81 20.50 -1.42
N LEU D 80 -13.63 19.64 -0.80
CA LEU D 80 -13.94 19.79 0.62
C LEU D 80 -13.77 18.46 1.30
N GLU D 81 -13.53 18.49 2.60
CA GLU D 81 -13.36 17.28 3.40
C GLU D 81 -14.62 17.18 4.26
N ASP D 82 -15.03 15.96 4.57
CA ASP D 82 -16.23 15.73 5.37
C ASP D 82 -16.05 14.62 6.40
N LYS D 83 -15.90 15.02 7.67
CA LYS D 83 -15.72 14.07 8.77
C LYS D 83 -16.98 13.21 8.96
N GLU D 84 -16.95 11.98 8.45
CA GLU D 84 -18.10 11.08 8.58
C GLU D 84 -17.79 9.85 9.43
N ARG D 85 -18.73 8.90 9.41
CA ARG D 85 -18.67 7.64 10.17
C ARG D 85 -17.31 6.97 10.35
N LEU D 86 -16.77 6.41 9.29
CA LEU D 86 -15.50 5.71 9.39
C LEU D 86 -14.31 6.58 9.03
N GLY D 87 -14.50 7.90 9.08
CA GLY D 87 -13.40 8.80 8.79
C GLY D 87 -13.74 9.94 7.86
N GLU D 88 -12.69 10.65 7.46
CA GLU D 88 -12.83 11.80 6.55
C GLU D 88 -13.16 11.42 5.12
N LYS D 89 -14.07 12.19 4.51
CA LYS D 89 -14.46 11.96 3.12
C LYS D 89 -14.19 13.26 2.35
N ILE D 90 -13.82 13.11 1.08
CA ILE D 90 -13.52 14.25 0.18
C ILE D 90 -14.49 14.36 -1.00
N VAL D 91 -14.85 15.57 -1.39
CA VAL D 91 -15.74 15.76 -2.53
C VAL D 91 -15.37 17.02 -3.29
N LEU D 92 -15.54 16.99 -4.61
CA LEU D 92 -15.25 18.17 -5.44
C LEU D 92 -16.38 19.16 -5.22
N THR D 93 -16.03 20.44 -5.20
CA THR D 93 -17.05 21.46 -5.07
C THR D 93 -17.57 21.68 -6.48
N SER D 94 -18.65 22.46 -6.61
CA SER D 94 -19.19 22.78 -7.91
C SER D 94 -18.08 23.38 -8.79
N GLU D 95 -17.24 24.22 -8.18
CA GLU D 95 -16.17 24.85 -8.93
C GLU D 95 -15.08 23.86 -9.33
N GLY D 96 -14.79 22.90 -8.44
CA GLY D 96 -13.81 21.88 -8.76
C GLY D 96 -14.33 21.02 -9.91
N GLU D 97 -15.63 20.72 -9.91
CA GLU D 97 -16.21 19.93 -11.00
C GLU D 97 -16.13 20.73 -12.30
N PHE D 98 -16.40 22.03 -12.21
CA PHE D 98 -16.34 22.85 -13.39
C PHE D 98 -14.94 22.89 -14.02
N VAL D 99 -13.94 23.13 -13.18
CA VAL D 99 -12.56 23.22 -13.65
C VAL D 99 -12.09 21.86 -14.21
N ALA D 100 -12.46 20.78 -13.54
CA ALA D 100 -12.04 19.44 -13.97
C ALA D 100 -12.64 19.18 -15.34
N GLN D 101 -13.92 19.47 -15.49
CA GLN D 101 -14.58 19.24 -16.76
C GLN D 101 -14.08 20.15 -17.87
N ALA D 102 -13.75 21.40 -17.53
CA ALA D 102 -13.24 22.33 -18.51
C ALA D 102 -11.90 21.85 -19.09
N ILE D 103 -11.04 21.33 -18.22
CA ILE D 103 -9.74 20.83 -18.64
C ILE D 103 -9.94 19.56 -19.48
N ARG D 104 -10.78 18.65 -19.01
CA ARG D 104 -11.06 17.41 -19.74
C ARG D 104 -11.57 17.72 -21.14
N VAL D 105 -12.54 18.62 -21.25
CA VAL D 105 -13.08 18.97 -22.55
C VAL D 105 -12.05 19.65 -23.45
N ARG D 106 -11.22 20.51 -22.87
CA ARG D 106 -10.21 21.20 -23.64
C ARG D 106 -9.22 20.18 -24.20
N ASP D 107 -8.81 19.24 -23.35
CA ASP D 107 -7.87 18.20 -23.76
C ASP D 107 -8.49 17.32 -24.85
N GLU D 108 -9.80 17.07 -24.74
CA GLU D 108 -10.49 16.23 -25.72
C GLU D 108 -10.61 16.93 -27.07
N GLU D 109 -10.83 18.23 -27.07
CA GLU D 109 -10.96 18.97 -28.32
C GLU D 109 -9.63 18.96 -29.04
N LEU D 110 -8.55 18.98 -28.26
CA LEU D 110 -7.21 18.96 -28.82
C LEU D 110 -6.98 17.60 -29.49
N ARG D 111 -7.40 16.56 -28.80
CA ARG D 111 -7.27 15.19 -29.29
C ARG D 111 -8.01 15.07 -30.62
N LEU D 112 -9.24 15.58 -30.66
CA LEU D 112 -10.05 15.53 -31.87
C LEU D 112 -9.42 16.34 -33.01
N LYS D 113 -8.91 17.53 -32.68
CA LYS D 113 -8.28 18.38 -33.69
C LYS D 113 -7.10 17.66 -34.34
N GLU D 114 -6.30 16.99 -33.53
CA GLU D 114 -5.14 16.26 -34.02
C GLU D 114 -5.59 15.15 -34.97
N MET D 115 -6.60 14.39 -34.56
CA MET D 115 -7.14 13.31 -35.38
C MET D 115 -7.49 13.82 -36.76
N LYS D 116 -8.21 14.94 -36.82
CA LYS D 116 -8.62 15.53 -38.08
C LYS D 116 -7.42 16.01 -38.89
#